data_4OI1
#
_entry.id   4OI1
#
_cell.length_a   100.740
_cell.length_b   100.740
_cell.length_c   40.410
_cell.angle_alpha   90.00
_cell.angle_beta   90.00
_cell.angle_gamma   120.00
#
_symmetry.space_group_name_H-M   'P 31'
#
loop_
_entity.id
_entity.type
_entity.pdbx_description
1 polymer 'Protein clpf-1'
2 polymer "RNA (5'-R(*GP*C)-3')"
3 non-polymer "ADENOSINE-5'-DIPHOSPHATE"
4 non-polymer 'MAGNESIUM ION'
5 non-polymer 'TETRAFLUOROALUMINATE ION'
6 non-polymer 'NONAETHYLENE GLYCOL'
7 water water
#
loop_
_entity_poly.entity_id
_entity_poly.type
_entity_poly.pdbx_seq_one_letter_code
_entity_poly.pdbx_strand_id
1 'polypeptide(L)'
;GSHMSEENVQEFVLKEDCELRFAAGDDSDVCLELVKGYAEIFGTELLLNKKYTFPAKSRVAAFTWKGATIELVGTTESAY
VAESTPMVIYLNIHAAMEEVRKKREEQAAGNSNKAKGPRLLLVGPTDVGKTTVSRILCNYSVRQGRTPIFVELDVGQNSV
SVPGTVAAVLVQKTADVIDGFERNQPIVFNFGHTSPSANLSLYEALFKEMATTLNAQIQENDEAKIGGMIINTCGWVDGE
GYKCIVKAASAFEVDVVIVLDHERLYSDLSKELPEFVRLTHVPKSGGVEQRTGQIRSKMRGENVHRYFYGTRANNLYPFT
FDVSFDDVTLCKIGAEQLPDSCLPFGMEVENHETKLVIMEPSADIKHHLFAFSRSTKADENVLKSPVFGFCLVTEVDLEK
RTMSILCPQRTIPSKVLVFSDITHLDDQIKR
;
A
2 'polyribonucleotide' GC B
#
loop_
_chem_comp.id
_chem_comp.type
_chem_comp.name
_chem_comp.formula
2PE non-polymer 'NONAETHYLENE GLYCOL' 'C18 H38 O10'
ADP non-polymer ADENOSINE-5'-DIPHOSPHATE 'C10 H15 N5 O10 P2'
ALF non-polymer 'TETRAFLUOROALUMINATE ION' 'Al F4 -1'
C RNA linking CYTIDINE-5'-MONOPHOSPHATE 'C9 H14 N3 O8 P'
G RNA linking GUANOSINE-5'-MONOPHOSPHATE 'C10 H14 N5 O8 P'
MG non-polymer 'MAGNESIUM ION' 'Mg 2'
#
# COMPACT_ATOMS: atom_id res chain seq x y z
N GLU A 7 -4.94 0.91 -31.94
CA GLU A 7 -3.91 0.55 -32.97
C GLU A 7 -3.20 1.71 -33.72
N ASN A 8 -3.45 2.94 -33.29
CA ASN A 8 -2.56 4.07 -33.58
C ASN A 8 -1.26 3.81 -32.80
N VAL A 9 -0.13 4.27 -33.34
CA VAL A 9 1.19 3.96 -32.74
C VAL A 9 1.98 5.24 -32.44
N GLN A 10 2.58 5.26 -31.26
CA GLN A 10 3.47 6.36 -30.88
C GLN A 10 4.85 5.81 -30.50
N GLU A 11 5.91 6.44 -30.96
CA GLU A 11 7.29 6.01 -30.68
C GLU A 11 8.04 7.10 -29.92
N PHE A 12 8.82 6.71 -28.92
CA PHE A 12 9.49 7.67 -28.05
C PHE A 12 10.97 7.32 -27.85
N VAL A 13 11.82 8.34 -28.00
CA VAL A 13 13.25 8.19 -27.71
C VAL A 13 13.51 8.86 -26.37
N LEU A 14 13.99 8.10 -25.41
CA LEU A 14 14.28 8.66 -24.08
C LEU A 14 15.79 8.75 -23.88
N LYS A 15 16.29 9.97 -23.71
CA LYS A 15 17.67 10.18 -23.29
C LYS A 15 17.86 9.60 -21.91
N GLU A 16 19.10 9.38 -21.51
CA GLU A 16 19.40 9.02 -20.13
C GLU A 16 18.68 9.93 -19.13
N ASP A 17 18.23 9.34 -18.02
CA ASP A 17 17.55 10.09 -16.95
C ASP A 17 16.24 10.79 -17.37
N CYS A 18 15.58 10.26 -18.40
CA CYS A 18 14.27 10.76 -18.83
C CYS A 18 13.14 9.77 -18.52
N GLU A 19 11.91 10.26 -18.40
CA GLU A 19 10.79 9.34 -18.25
C GLU A 19 9.63 9.70 -19.16
N LEU A 20 9.10 8.65 -19.79
CA LEU A 20 7.86 8.73 -20.55
C LEU A 20 6.69 8.62 -19.57
N ARG A 21 5.86 9.66 -19.55
CA ARG A 21 4.65 9.67 -18.74
C ARG A 21 3.47 9.66 -19.68
N PHE A 22 2.54 8.75 -19.43
CA PHE A 22 1.37 8.69 -20.27
C PHE A 22 0.12 8.31 -19.48
N ALA A 23 -1.02 8.60 -20.08
CA ALA A 23 -2.26 8.12 -19.53
C ALA A 23 -3.04 7.43 -20.62
N ALA A 24 -3.51 6.22 -20.34
CA ALA A 24 -4.38 5.49 -21.28
C ALA A 24 -5.69 6.26 -21.48
N GLY A 25 -6.27 6.13 -22.67
CA GLY A 25 -7.52 6.79 -22.99
C GLY A 25 -8.64 6.34 -22.08
N ASP A 26 -9.73 7.11 -22.05
CA ASP A 26 -10.87 6.78 -21.19
C ASP A 26 -11.51 5.46 -21.59
N ASP A 27 -11.56 5.20 -22.88
CA ASP A 27 -12.12 3.96 -23.40
C ASP A 27 -11.09 2.91 -23.80
N SER A 28 -9.81 3.27 -23.77
CA SER A 28 -8.78 2.49 -24.47
C SER A 28 -7.73 1.81 -23.60
N ASP A 29 -7.33 0.60 -24.00
CA ASP A 29 -6.14 -0.05 -23.46
C ASP A 29 -4.91 0.54 -24.14
N VAL A 30 -3.82 0.73 -23.38
CA VAL A 30 -2.56 1.11 -23.99
C VAL A 30 -1.49 0.04 -23.81
N CYS A 31 -0.93 -0.41 -24.93
CA CYS A 31 0.20 -1.33 -24.88
C CYS A 31 1.57 -0.63 -25.00
N LEU A 32 2.41 -0.83 -23.99
CA LEU A 32 3.77 -0.32 -23.95
C LEU A 32 4.77 -1.44 -24.26
N GLU A 33 5.74 -1.18 -25.14
CA GLU A 33 6.83 -2.13 -25.40
C GLU A 33 8.17 -1.41 -25.44
N LEU A 34 9.12 -1.91 -24.68
CA LEU A 34 10.48 -1.39 -24.73
C LEU A 34 11.12 -2.07 -25.93
N VAL A 35 11.61 -1.27 -26.88
CA VAL A 35 12.17 -1.83 -28.10
C VAL A 35 13.68 -1.66 -28.19
N LYS A 36 14.24 -0.84 -27.32
CA LYS A 36 15.71 -0.69 -27.25
C LYS A 36 16.14 -0.14 -25.90
N GLY A 37 17.26 -0.66 -25.38
CA GLY A 37 17.82 -0.18 -24.12
C GLY A 37 17.22 -0.82 -22.86
N TYR A 38 17.21 -0.03 -21.79
CA TYR A 38 16.77 -0.46 -20.46
C TYR A 38 15.81 0.59 -19.91
N ALA A 39 14.77 0.12 -19.22
CA ALA A 39 13.77 0.98 -18.62
C ALA A 39 13.11 0.26 -17.43
N GLU A 40 12.52 1.04 -16.55
CA GLU A 40 11.84 0.53 -15.36
C GLU A 40 10.59 1.36 -15.13
N ILE A 41 9.59 0.76 -14.53
CA ILE A 41 8.36 1.48 -14.17
C ILE A 41 8.24 1.41 -12.66
N PHE A 42 8.29 2.57 -12.01
CA PHE A 42 8.34 2.64 -10.56
C PHE A 42 9.23 1.58 -9.91
N GLY A 43 10.43 1.42 -10.46
CA GLY A 43 11.43 0.60 -9.83
C GLY A 43 11.54 -0.82 -10.37
N THR A 44 10.52 -1.30 -11.09
CA THR A 44 10.56 -2.63 -11.71
C THR A 44 11.10 -2.59 -13.14
N GLU A 45 12.17 -3.34 -13.40
CA GLU A 45 12.76 -3.41 -14.76
C GLU A 45 11.77 -3.95 -15.80
N LEU A 46 11.71 -3.28 -16.95
CA LEU A 46 10.97 -3.77 -18.10
C LEU A 46 11.79 -4.77 -18.87
N LEU A 47 11.14 -5.81 -19.39
CA LEU A 47 11.81 -6.79 -20.24
C LEU A 47 11.78 -6.32 -21.67
N LEU A 48 12.92 -6.43 -22.36
CA LEU A 48 13.03 -6.00 -23.74
C LEU A 48 12.01 -6.73 -24.60
N ASN A 49 11.29 -5.97 -25.42
CA ASN A 49 10.22 -6.50 -26.32
C ASN A 49 8.97 -7.15 -25.70
N LYS A 50 8.87 -7.16 -24.37
CA LYS A 50 7.65 -7.63 -23.74
C LYS A 50 6.55 -6.57 -23.90
N LYS A 51 5.37 -7.04 -24.29
CA LYS A 51 4.23 -6.16 -24.44
C LYS A 51 3.49 -6.06 -23.10
N TYR A 52 3.41 -4.85 -22.56
CA TYR A 52 2.68 -4.57 -21.32
C TYR A 52 1.38 -3.84 -21.63
N THR A 53 0.26 -4.53 -21.42
CA THR A 53 -1.07 -3.94 -21.63
C THR A 53 -1.55 -3.23 -20.37
N PHE A 54 -1.81 -1.93 -20.51
CA PHE A 54 -2.33 -1.13 -19.41
C PHE A 54 -3.79 -0.83 -19.72
N PRO A 55 -4.69 -1.06 -18.75
CA PRO A 55 -6.10 -0.84 -19.04
C PRO A 55 -6.44 0.66 -19.08
N ALA A 56 -7.58 0.98 -19.67
CA ALA A 56 -8.07 2.36 -19.77
C ALA A 56 -7.86 3.18 -18.50
N LYS A 57 -7.54 4.47 -18.68
CA LYS A 57 -7.30 5.40 -17.56
C LYS A 57 -6.03 5.16 -16.71
N SER A 58 -5.22 4.15 -17.03
CA SER A 58 -3.95 3.95 -16.32
C SER A 58 -3.00 5.15 -16.44
N ARG A 59 -2.35 5.51 -15.32
CA ARG A 59 -1.30 6.53 -15.29
C ARG A 59 0.04 5.84 -15.04
N VAL A 60 1.01 6.06 -15.94
CA VAL A 60 2.27 5.30 -15.99
C VAL A 60 3.49 6.19 -16.27
N ALA A 61 4.61 5.83 -15.66
CA ALA A 61 5.86 6.53 -15.87
C ALA A 61 6.93 5.48 -16.07
N ALA A 62 7.58 5.50 -17.24
CA ALA A 62 8.70 4.62 -17.53
C ALA A 62 9.98 5.43 -17.59
N PHE A 63 10.93 5.08 -16.73
CA PHE A 63 12.15 5.84 -16.52
C PHE A 63 13.27 5.01 -17.04
N THR A 64 14.34 5.65 -17.49
CA THR A 64 15.52 4.95 -17.96
C THR A 64 16.76 5.68 -17.44
N TRP A 65 17.73 4.91 -16.95
CA TRP A 65 19.01 5.46 -16.48
C TRP A 65 19.98 5.77 -17.62
N LYS A 66 20.06 4.88 -18.61
CA LYS A 66 21.00 5.02 -19.72
C LYS A 66 20.40 5.41 -21.08
N GLY A 67 19.08 5.32 -21.21
CA GLY A 67 18.43 5.66 -22.48
C GLY A 67 17.66 4.49 -23.08
N ALA A 68 16.52 4.81 -23.70
CA ALA A 68 15.62 3.80 -24.21
C ALA A 68 14.82 4.32 -25.40
N THR A 69 14.34 3.38 -26.20
CA THR A 69 13.30 3.67 -27.19
C THR A 69 12.08 2.85 -26.81
N ILE A 70 10.93 3.51 -26.79
CA ILE A 70 9.70 2.89 -26.32
C ILE A 70 8.52 3.14 -27.28
N GLU A 71 7.77 2.07 -27.53
CA GLU A 71 6.57 2.12 -28.34
C GLU A 71 5.31 2.03 -27.48
N LEU A 72 4.35 2.88 -27.80
CA LEU A 72 2.98 2.79 -27.30
C LEU A 72 2.00 2.54 -28.45
N VAL A 73 1.14 1.53 -28.26
CA VAL A 73 0.10 1.15 -29.21
C VAL A 73 -1.22 1.38 -28.48
N GLY A 74 -2.06 2.26 -29.03
CA GLY A 74 -3.39 2.58 -28.45
C GLY A 74 -3.58 4.07 -28.16
N THR A 75 -4.84 4.46 -28.00
CA THR A 75 -5.23 5.83 -27.69
C THR A 75 -4.76 6.26 -26.30
N THR A 76 -4.04 7.37 -26.24
CA THR A 76 -3.59 7.96 -24.97
C THR A 76 -4.23 9.34 -24.79
N GLU A 77 -4.41 9.76 -23.54
CA GLU A 77 -4.93 11.11 -23.25
C GLU A 77 -3.77 12.08 -23.30
N SER A 78 -2.63 11.60 -22.82
CA SER A 78 -1.42 12.39 -22.69
C SER A 78 -0.25 11.40 -22.82
N ALA A 79 0.85 11.85 -23.41
CA ALA A 79 2.10 11.10 -23.48
C ALA A 79 3.23 12.07 -23.81
N TYR A 80 4.17 12.24 -22.89
CA TYR A 80 5.35 13.09 -23.12
C TYR A 80 6.56 12.54 -22.36
N VAL A 81 7.74 12.97 -22.78
CA VAL A 81 9.00 12.64 -22.13
C VAL A 81 9.40 13.79 -21.20
N ALA A 82 9.62 13.51 -19.91
CA ALA A 82 10.16 14.52 -18.97
C ALA A 82 11.67 14.29 -18.80
N GLU A 83 12.44 15.36 -18.61
CA GLU A 83 13.91 15.26 -18.62
C GLU A 83 14.58 15.49 -17.27
N SER A 84 13.78 15.98 -16.33
CA SER A 84 14.27 16.27 -15.00
CA SER A 84 14.29 16.23 -15.00
C SER A 84 13.30 15.71 -13.98
N THR A 85 13.69 14.64 -13.31
CA THR A 85 12.86 13.97 -12.35
C THR A 85 13.70 13.96 -11.07
N PRO A 86 13.11 13.62 -9.91
CA PRO A 86 13.92 13.35 -8.73
C PRO A 86 14.38 11.90 -8.59
N MET A 87 14.42 11.17 -9.71
CA MET A 87 14.77 9.75 -9.63
C MET A 87 16.11 9.51 -8.96
N VAL A 88 17.06 10.42 -9.19
CA VAL A 88 18.40 10.25 -8.64
C VAL A 88 18.35 10.37 -7.13
N ILE A 89 17.60 11.37 -6.65
CA ILE A 89 17.33 11.52 -5.24
C ILE A 89 16.77 10.24 -4.67
N TYR A 90 15.74 9.71 -5.33
CA TYR A 90 15.05 8.51 -4.83
C TYR A 90 16.03 7.32 -4.84
N LEU A 91 16.94 7.30 -5.81
CA LEU A 91 18.00 6.26 -5.87
C LEU A 91 19.00 6.42 -4.72
N ASN A 92 19.44 7.65 -4.46
CA ASN A 92 20.42 7.89 -3.37
C ASN A 92 19.87 7.56 -1.98
N ILE A 93 18.56 7.74 -1.80
CA ILE A 93 17.89 7.27 -0.57
C ILE A 93 18.04 5.75 -0.38
N HIS A 94 17.79 4.98 -1.45
CA HIS A 94 17.99 3.54 -1.38
C HIS A 94 19.45 3.24 -1.09
N ALA A 95 20.36 3.94 -1.78
CA ALA A 95 21.82 3.73 -1.61
C ALA A 95 22.27 3.91 -0.16
N ALA A 96 21.73 4.92 0.50
CA ALA A 96 22.10 5.23 1.88
C ALA A 96 21.52 4.20 2.85
N MET A 97 20.32 3.72 2.57
CA MET A 97 19.76 2.61 3.32
C MET A 97 20.64 1.37 3.23
N GLU A 98 21.06 1.01 2.02
CA GLU A 98 21.86 -0.21 1.85
C GLU A 98 23.20 -0.04 2.56
N GLU A 99 23.74 1.18 2.55
CA GLU A 99 24.95 1.50 3.29
C GLU A 99 24.77 1.18 4.77
N VAL A 100 23.67 1.64 5.34
CA VAL A 100 23.38 1.37 6.75
C VAL A 100 23.31 -0.13 7.03
N ARG A 101 22.72 -0.89 6.11
CA ARG A 101 22.63 -2.36 6.24
C ARG A 101 24.01 -3.01 6.36
N LYS A 102 24.92 -2.60 5.47
CA LYS A 102 26.28 -3.14 5.47
C LYS A 102 27.03 -2.82 6.75
N LYS A 103 26.99 -1.55 7.18
CA LYS A 103 27.67 -1.12 8.40
C LYS A 103 27.24 -1.93 9.60
N ARG A 104 25.93 -2.08 9.74
CA ARG A 104 25.34 -2.86 10.82
C ARG A 104 25.60 -4.36 10.66
N GLU A 105 25.83 -4.81 9.42
CA GLU A 105 26.17 -6.22 9.19
C GLU A 105 27.58 -6.52 9.70
N GLU A 106 28.49 -5.58 9.46
CA GLU A 106 29.90 -5.70 9.85
C GLU A 106 30.14 -5.47 11.35
N GLN A 107 29.06 -5.28 12.09
CA GLN A 107 29.11 -5.14 13.54
C GLN A 107 28.25 -6.19 14.24
N ALA A 108 27.95 -7.29 13.54
CA ALA A 108 27.04 -8.31 14.11
C ALA A 108 27.55 -9.74 13.94
N LYS A 114 22.17 -10.50 15.46
CA LYS A 114 21.71 -10.35 14.08
C LYS A 114 21.38 -8.89 13.79
N ALA A 115 22.04 -8.35 12.76
CA ALA A 115 21.90 -6.97 12.30
C ALA A 115 20.45 -6.53 12.04
N LYS A 116 20.11 -5.34 12.54
CA LYS A 116 18.78 -4.76 12.36
C LYS A 116 18.82 -3.77 11.20
N GLY A 117 17.98 -4.01 10.19
CA GLY A 117 17.91 -3.14 9.01
C GLY A 117 17.29 -1.78 9.28
N PRO A 118 17.64 -0.76 8.47
CA PRO A 118 17.13 0.57 8.71
C PRO A 118 15.62 0.68 8.43
N ARG A 119 14.96 1.59 9.11
CA ARG A 119 13.52 1.75 9.00
C ARG A 119 13.22 3.15 8.55
N LEU A 120 12.40 3.24 7.51
CA LEU A 120 12.21 4.49 6.84
C LEU A 120 10.73 4.86 6.80
N LEU A 121 10.43 6.08 7.22
CA LEU A 121 9.09 6.61 7.18
C LEU A 121 8.93 7.67 6.07
N LEU A 122 7.95 7.48 5.19
CA LEU A 122 7.67 8.44 4.14
C LEU A 122 6.45 9.27 4.56
N VAL A 123 6.62 10.60 4.56
CA VAL A 123 5.56 11.54 4.97
C VAL A 123 5.39 12.70 3.99
N GLY A 124 4.25 13.38 4.07
CA GLY A 124 3.95 14.47 3.16
C GLY A 124 2.45 14.48 2.89
N PRO A 125 1.96 15.58 2.29
CA PRO A 125 0.52 15.71 2.05
C PRO A 125 0.04 14.84 0.88
N THR A 126 -1.26 14.87 0.61
CA THR A 126 -1.85 14.09 -0.47
C THR A 126 -1.16 14.31 -1.83
N ASP A 127 -1.02 13.23 -2.60
CA ASP A 127 -0.54 13.29 -3.97
C ASP A 127 0.85 13.91 -4.13
N VAL A 128 1.77 13.55 -3.24
CA VAL A 128 3.18 13.97 -3.45
C VAL A 128 4.05 12.78 -3.89
N GLY A 129 3.42 11.62 -4.00
CA GLY A 129 4.10 10.41 -4.42
C GLY A 129 4.68 9.54 -3.31
N LYS A 130 4.10 9.55 -2.10
CA LYS A 130 4.63 8.72 -1.01
C LYS A 130 4.51 7.23 -1.39
N THR A 131 3.38 6.85 -1.97
CA THR A 131 3.14 5.45 -2.30
C THR A 131 4.10 5.01 -3.40
N THR A 132 4.23 5.87 -4.40
CA THR A 132 5.05 5.62 -5.57
C THR A 132 6.52 5.47 -5.18
N VAL A 133 7.01 6.43 -4.40
CA VAL A 133 8.35 6.34 -3.80
C VAL A 133 8.53 5.09 -2.90
N SER A 134 7.54 4.74 -2.09
CA SER A 134 7.63 3.51 -1.28
CA SER A 134 7.60 3.51 -1.28
C SER A 134 7.83 2.30 -2.18
N ARG A 135 7.11 2.27 -3.31
CA ARG A 135 7.24 1.22 -4.31
C ARG A 135 8.63 1.18 -4.96
N ILE A 136 9.12 2.32 -5.39
CA ILE A 136 10.44 2.38 -5.98
C ILE A 136 11.49 1.87 -4.98
N LEU A 137 11.42 2.35 -3.73
CA LEU A 137 12.39 1.91 -2.70
C LEU A 137 12.28 0.41 -2.40
N CYS A 138 11.06 -0.11 -2.31
CA CYS A 138 10.87 -1.57 -2.11
C CYS A 138 11.51 -2.37 -3.26
N ASN A 139 11.19 -2.00 -4.49
CA ASN A 139 11.78 -2.61 -5.68
C ASN A 139 13.30 -2.57 -5.72
N TYR A 140 13.86 -1.42 -5.36
CA TYR A 140 15.32 -1.23 -5.40
C TYR A 140 16.00 -2.12 -4.36
N SER A 141 15.38 -2.24 -3.18
CA SER A 141 15.85 -3.18 -2.14
C SER A 141 15.81 -4.64 -2.59
N VAL A 142 14.74 -5.06 -3.23
CA VAL A 142 14.62 -6.43 -3.76
C VAL A 142 15.73 -6.66 -4.80
N ARG A 143 15.95 -5.68 -5.67
CA ARG A 143 16.96 -5.78 -6.74
C ARG A 143 18.39 -5.81 -6.20
N GLN A 144 18.56 -5.30 -4.98
CA GLN A 144 19.81 -5.39 -4.23
C GLN A 144 19.99 -6.79 -3.58
N GLY A 145 18.94 -7.60 -3.59
CA GLY A 145 18.99 -8.91 -2.95
C GLY A 145 18.42 -8.93 -1.56
N ARG A 146 17.80 -7.81 -1.13
CA ARG A 146 17.23 -7.69 0.21
C ARG A 146 15.76 -8.05 0.19
N THR A 147 15.20 -8.35 1.37
CA THR A 147 13.75 -8.55 1.54
C THR A 147 13.25 -7.55 2.59
N PRO A 148 12.85 -6.34 2.17
CA PRO A 148 12.35 -5.38 3.16
C PRO A 148 10.90 -5.69 3.52
N ILE A 149 10.47 -5.15 4.64
CA ILE A 149 9.07 -5.20 5.02
C ILE A 149 8.43 -3.88 4.61
N PHE A 150 7.35 -3.98 3.83
CA PHE A 150 6.56 -2.83 3.47
C PHE A 150 5.39 -2.66 4.44
N VAL A 151 5.31 -1.48 5.04
CA VAL A 151 4.30 -1.17 6.03
C VAL A 151 3.40 -0.05 5.52
N GLU A 152 2.12 -0.39 5.44
CA GLU A 152 1.10 0.45 4.89
C GLU A 152 0.18 0.96 6.00
N LEU A 153 0.30 2.24 6.32
CA LEU A 153 -0.55 2.85 7.35
C LEU A 153 -1.71 3.67 6.77
N ASP A 154 -1.80 3.76 5.45
CA ASP A 154 -2.84 4.58 4.84
C ASP A 154 -4.10 3.72 4.78
N VAL A 155 -5.06 4.03 5.64
CA VAL A 155 -6.30 3.26 5.69
C VAL A 155 -7.27 3.67 4.57
N GLY A 156 -6.96 4.77 3.87
CA GLY A 156 -7.77 5.23 2.75
C GLY A 156 -7.31 4.65 1.41
N GLN A 157 -6.10 5.02 1.01
CA GLN A 157 -5.47 4.56 -0.22
C GLN A 157 -4.47 3.44 0.11
N ASN A 158 -4.96 2.20 0.17
CA ASN A 158 -4.22 1.09 0.73
C ASN A 158 -3.72 0.15 -0.36
N SER A 159 -2.42 -0.10 -0.40
CA SER A 159 -1.88 -0.93 -1.47
C SER A 159 -1.51 -2.35 -1.03
N VAL A 160 -1.96 -2.75 0.16
CA VAL A 160 -1.64 -4.07 0.68
C VAL A 160 -2.93 -4.89 0.86
N SER A 161 -3.98 -4.27 1.39
CA SER A 161 -5.25 -4.95 1.68
C SER A 161 -6.42 -4.01 1.30
N VAL A 162 -7.62 -4.26 1.81
CA VAL A 162 -8.77 -3.42 1.52
C VAL A 162 -8.60 -2.07 2.26
N PRO A 163 -9.41 -1.04 1.92
CA PRO A 163 -9.38 0.16 2.75
C PRO A 163 -9.89 -0.14 4.15
N GLY A 164 -9.51 0.70 5.10
CA GLY A 164 -9.84 0.50 6.48
C GLY A 164 -8.89 -0.48 7.12
N THR A 165 -7.76 -0.74 6.47
CA THR A 165 -6.75 -1.57 7.15
C THR A 165 -5.42 -0.87 7.32
N VAL A 166 -4.69 -1.38 8.31
CA VAL A 166 -3.28 -1.13 8.53
C VAL A 166 -2.59 -2.49 8.31
N ALA A 167 -1.61 -2.55 7.41
CA ALA A 167 -1.05 -3.83 6.99
C ALA A 167 0.47 -3.78 6.75
N ALA A 168 1.09 -4.97 6.73
CA ALA A 168 2.51 -5.14 6.47
C ALA A 168 2.75 -6.43 5.69
N VAL A 169 3.71 -6.38 4.76
CA VAL A 169 4.02 -7.53 3.93
C VAL A 169 5.55 -7.61 3.69
N LEU A 170 6.10 -8.83 3.72
CA LEU A 170 7.49 -9.04 3.38
C LEU A 170 7.59 -9.02 1.86
N VAL A 171 8.43 -8.15 1.31
CA VAL A 171 8.56 -8.00 -0.13
C VAL A 171 9.74 -8.87 -0.61
N GLN A 172 9.46 -9.89 -1.41
CA GLN A 172 10.51 -10.78 -1.93
C GLN A 172 10.63 -10.77 -3.45
N LYS A 173 9.72 -10.05 -4.09
CA LYS A 173 9.70 -9.91 -5.54
CA LYS A 173 9.72 -9.91 -5.54
C LYS A 173 9.39 -8.46 -5.89
N THR A 174 9.97 -7.96 -6.98
CA THR A 174 9.63 -6.60 -7.41
C THR A 174 8.14 -6.55 -7.78
N ALA A 175 7.53 -5.37 -7.71
CA ALA A 175 6.14 -5.23 -8.13
C ALA A 175 5.94 -5.71 -9.54
N ASP A 176 4.76 -6.24 -9.80
CA ASP A 176 4.36 -6.47 -11.16
C ASP A 176 4.13 -5.08 -11.81
N VAL A 177 4.60 -4.91 -13.04
CA VAL A 177 4.53 -3.61 -13.71
C VAL A 177 3.08 -3.09 -13.81
N ILE A 178 2.13 -3.99 -14.06
CA ILE A 178 0.73 -3.63 -14.25
C ILE A 178 -0.06 -3.75 -12.93
N ASP A 179 0.16 -4.83 -12.19
CA ASP A 179 -0.65 -5.14 -11.00
C ASP A 179 -0.07 -4.69 -9.66
N GLY A 180 1.16 -4.18 -9.64
CA GLY A 180 1.74 -3.82 -8.35
C GLY A 180 2.28 -5.03 -7.61
N PHE A 181 2.45 -4.92 -6.31
CA PHE A 181 3.10 -6.00 -5.53
C PHE A 181 2.21 -7.25 -5.32
N GLU A 182 2.84 -8.42 -5.26
CA GLU A 182 2.15 -9.64 -4.78
C GLU A 182 1.87 -9.53 -3.30
N ARG A 183 0.62 -9.71 -2.90
CA ARG A 183 0.31 -9.70 -1.47
C ARG A 183 0.57 -11.08 -0.89
N ASN A 184 1.83 -11.33 -0.55
CA ASN A 184 2.23 -12.60 0.01
C ASN A 184 2.04 -12.67 1.51
N GLN A 185 0.96 -13.32 1.94
CA GLN A 185 0.65 -13.48 3.38
C GLN A 185 0.85 -12.20 4.22
N PRO A 186 0.04 -11.15 3.94
CA PRO A 186 0.23 -9.95 4.73
C PRO A 186 -0.26 -10.12 6.18
N ILE A 187 0.32 -9.36 7.10
CA ILE A 187 -0.26 -9.13 8.41
C ILE A 187 -1.21 -7.96 8.24
N VAL A 188 -2.46 -8.15 8.63
CA VAL A 188 -3.51 -7.20 8.34
C VAL A 188 -4.31 -6.93 9.61
N PHE A 189 -4.47 -5.65 9.95
CA PHE A 189 -5.37 -5.26 11.04
C PHE A 189 -6.55 -4.48 10.51
N ASN A 190 -7.74 -4.78 11.05
CA ASN A 190 -8.94 -4.11 10.64
C ASN A 190 -9.17 -2.84 11.42
N PHE A 191 -8.92 -1.71 10.79
CA PHE A 191 -9.21 -0.45 11.42
C PHE A 191 -10.69 -0.08 11.29
N GLY A 192 -11.23 -0.24 10.08
CA GLY A 192 -12.67 -0.13 9.86
C GLY A 192 -13.17 1.19 9.32
N HIS A 193 -12.28 2.11 8.96
CA HIS A 193 -12.65 3.46 8.50
C HIS A 193 -11.66 3.95 7.45
N THR A 194 -12.10 4.82 6.54
CA THR A 194 -11.21 5.28 5.45
C THR A 194 -10.29 6.42 5.84
N SER A 195 -10.46 6.95 7.05
CA SER A 195 -9.58 8.00 7.55
C SER A 195 -9.29 7.75 9.00
N PRO A 196 -8.06 8.10 9.45
CA PRO A 196 -7.71 7.89 10.86
C PRO A 196 -8.51 8.79 11.85
N SER A 197 -9.04 9.91 11.38
CA SER A 197 -9.75 10.83 12.28
C SER A 197 -11.07 10.26 12.76
N ALA A 198 -11.56 9.20 12.14
CA ALA A 198 -12.79 8.54 12.60
C ALA A 198 -12.61 7.91 13.98
N ASN A 199 -11.38 7.51 14.32
CA ASN A 199 -11.07 6.98 15.64
C ASN A 199 -9.59 6.96 15.83
N LEU A 200 -9.05 8.12 16.20
CA LEU A 200 -7.63 8.36 16.22
C LEU A 200 -6.88 7.48 17.20
N SER A 201 -7.48 7.21 18.36
CA SER A 201 -6.79 6.41 19.37
C SER A 201 -6.77 4.93 19.02
N LEU A 202 -7.82 4.43 18.38
CA LEU A 202 -7.75 3.07 17.85
C LEU A 202 -6.66 2.94 16.77
N TYR A 203 -6.59 3.95 15.88
CA TYR A 203 -5.61 3.99 14.78
C TYR A 203 -4.19 3.92 15.31
N GLU A 204 -3.93 4.73 16.33
CA GLU A 204 -2.65 4.69 17.05
C GLU A 204 -2.40 3.38 17.79
N ALA A 205 -3.42 2.78 18.39
CA ALA A 205 -3.23 1.49 19.03
C ALA A 205 -2.87 0.39 18.01
N LEU A 206 -3.47 0.43 16.81
CA LEU A 206 -3.09 -0.53 15.76
C LEU A 206 -1.63 -0.42 15.23
N PHE A 207 -1.16 0.81 14.97
CA PHE A 207 0.28 1.10 14.70
C PHE A 207 1.15 0.25 15.58
N LYS A 208 0.90 0.44 16.87
CA LYS A 208 1.73 -0.08 17.93
C LYS A 208 1.62 -1.55 17.99
N GLU A 209 0.42 -2.09 17.85
CA GLU A 209 0.27 -3.53 17.83
C GLU A 209 0.96 -4.12 16.59
N MET A 210 0.87 -3.40 15.48
CA MET A 210 1.57 -3.78 14.26
C MET A 210 3.09 -3.77 14.48
N ALA A 211 3.60 -2.67 15.03
CA ALA A 211 5.03 -2.55 15.30
C ALA A 211 5.53 -3.65 16.23
N THR A 212 4.77 -3.90 17.31
CA THR A 212 5.09 -4.96 18.28
C THR A 212 5.15 -6.31 17.59
N THR A 213 4.15 -6.61 16.76
CA THR A 213 4.06 -7.88 16.06
C THR A 213 5.26 -8.05 15.13
N LEU A 214 5.58 -6.99 14.38
CA LEU A 214 6.72 -7.05 13.45
C LEU A 214 8.05 -7.22 14.18
N ASN A 215 8.26 -6.49 15.27
CA ASN A 215 9.47 -6.69 16.08
C ASN A 215 9.65 -8.14 16.57
N ALA A 216 8.55 -8.81 16.91
CA ALA A 216 8.63 -10.20 17.35
C ALA A 216 8.86 -11.13 16.15
N GLN A 217 8.27 -10.82 15.01
CA GLN A 217 8.42 -11.68 13.84
C GLN A 217 9.81 -11.66 13.22
N ILE A 218 10.39 -10.49 13.07
CA ILE A 218 11.75 -10.37 12.53
C ILE A 218 12.80 -11.08 13.39
N GLN A 219 12.48 -11.31 14.67
CA GLN A 219 13.35 -12.07 15.56
C GLN A 219 13.55 -13.49 15.04
N GLU A 220 12.55 -13.97 14.31
CA GLU A 220 12.51 -15.33 13.78
C GLU A 220 12.91 -15.43 12.30
N ASN A 221 13.38 -14.33 11.74
CA ASN A 221 13.68 -14.26 10.32
C ASN A 221 14.74 -13.18 10.06
N ASP A 222 15.99 -13.61 9.93
CA ASP A 222 17.14 -12.72 9.77
C ASP A 222 17.09 -11.86 8.50
N GLU A 223 16.55 -12.42 7.41
CA GLU A 223 16.49 -11.72 6.13
CA GLU A 223 16.48 -11.73 6.13
C GLU A 223 15.52 -10.55 6.25
N ALA A 224 14.35 -10.82 6.84
CA ALA A 224 13.35 -9.79 7.09
C ALA A 224 13.96 -8.73 7.98
N LYS A 225 14.74 -9.19 8.97
CA LYS A 225 15.32 -8.30 9.99
C LYS A 225 16.29 -7.30 9.42
N ILE A 226 17.24 -7.78 8.61
CA ILE A 226 18.20 -6.90 7.90
C ILE A 226 17.52 -6.15 6.73
N GLY A 227 16.46 -6.73 6.16
CA GLY A 227 15.67 -6.05 5.13
C GLY A 227 15.21 -4.67 5.56
N GLY A 228 14.87 -4.53 6.84
CA GLY A 228 14.35 -3.28 7.36
C GLY A 228 12.93 -3.02 6.92
N MET A 229 12.55 -1.74 6.91
CA MET A 229 11.17 -1.38 6.77
C MET A 229 11.03 -0.13 5.95
N ILE A 230 10.08 -0.16 5.04
CA ILE A 230 9.65 1.04 4.36
C ILE A 230 8.20 1.27 4.73
N ILE A 231 7.97 2.40 5.40
CA ILE A 231 6.68 2.68 6.01
C ILE A 231 5.98 3.84 5.29
N ASN A 232 4.82 3.54 4.72
CA ASN A 232 4.05 4.52 3.97
C ASN A 232 2.95 5.09 4.88
N THR A 233 2.89 6.42 5.01
CA THR A 233 1.79 7.07 5.74
C THR A 233 0.73 7.66 4.81
N CYS A 234 -0.39 8.06 5.39
CA CYS A 234 -1.40 8.75 4.61
C CYS A 234 -1.03 10.24 4.49
N GLY A 235 -1.71 10.95 3.59
CA GLY A 235 -1.46 12.38 3.40
C GLY A 235 -1.95 13.34 4.49
N TRP A 236 -2.39 12.84 5.64
CA TRP A 236 -2.87 13.72 6.73
C TRP A 236 -1.72 14.28 7.57
N VAL A 237 -1.35 15.54 7.32
CA VAL A 237 -0.16 16.11 7.95
C VAL A 237 -0.50 17.24 8.94
N ASP A 238 -1.68 17.83 8.81
CA ASP A 238 -2.12 18.94 9.65
C ASP A 238 -2.80 18.45 10.92
N GLY A 239 -2.86 19.33 11.92
CA GLY A 239 -3.56 19.03 13.17
C GLY A 239 -3.16 17.72 13.80
N GLU A 240 -4.14 16.83 13.93
CA GLU A 240 -3.96 15.56 14.60
CA GLU A 240 -3.96 15.55 14.60
C GLU A 240 -3.17 14.56 13.73
N GLY A 241 -3.11 14.82 12.42
CA GLY A 241 -2.33 14.00 11.50
C GLY A 241 -0.85 14.14 11.81
N TYR A 242 -0.44 15.35 12.20
CA TYR A 242 0.95 15.60 12.57
C TYR A 242 1.40 14.70 13.73
N LYS A 243 0.56 14.60 14.75
CA LYS A 243 0.85 13.76 15.92
C LYS A 243 0.93 12.28 15.59
N CYS A 244 0.08 11.83 14.65
CA CYS A 244 0.19 10.49 14.09
C CYS A 244 1.58 10.19 13.54
N ILE A 245 2.13 11.16 12.80
CA ILE A 245 3.47 11.01 12.20
C ILE A 245 4.50 10.80 13.30
N VAL A 246 4.43 11.64 14.35
CA VAL A 246 5.39 11.59 15.45
C VAL A 246 5.31 10.26 16.20
N LYS A 247 4.08 9.79 16.43
CA LYS A 247 3.87 8.50 17.09
C LYS A 247 4.23 7.31 16.21
N ALA A 248 4.03 7.43 14.89
CA ALA A 248 4.48 6.37 13.96
C ALA A 248 6.02 6.28 13.99
N ALA A 249 6.67 7.42 13.82
CA ALA A 249 8.13 7.52 13.91
C ALA A 249 8.65 6.79 15.16
N SER A 250 8.06 7.13 16.30
CA SER A 250 8.40 6.54 17.59
C SER A 250 8.07 5.03 17.74
N ALA A 251 6.84 4.64 17.43
CA ALA A 251 6.42 3.23 17.58
C ALA A 251 7.23 2.28 16.71
N PHE A 252 7.58 2.71 15.48
CA PHE A 252 8.39 1.87 14.59
C PHE A 252 9.89 2.09 14.75
N GLU A 253 10.26 3.00 15.67
CA GLU A 253 11.68 3.31 15.95
C GLU A 253 12.44 3.58 14.66
N VAL A 254 11.91 4.49 13.82
CA VAL A 254 12.49 4.76 12.50
C VAL A 254 13.83 5.47 12.61
N ASP A 255 14.71 5.21 11.64
CA ASP A 255 16.06 5.78 11.54
C ASP A 255 16.04 6.98 10.60
N VAL A 256 15.11 6.97 9.66
CA VAL A 256 15.08 7.93 8.58
C VAL A 256 13.62 8.36 8.32
N VAL A 257 13.41 9.67 8.27
CA VAL A 257 12.16 10.22 7.82
C VAL A 257 12.40 10.98 6.52
N ILE A 258 11.69 10.58 5.48
CA ILE A 258 11.70 11.31 4.22
C ILE A 258 10.44 12.15 4.13
N VAL A 259 10.61 13.45 4.01
CA VAL A 259 9.49 14.34 3.84
C VAL A 259 9.45 14.77 2.38
N LEU A 260 8.33 14.56 1.73
CA LEU A 260 8.13 14.94 0.34
C LEU A 260 7.31 16.21 0.25
N ASP A 261 7.88 17.25 -0.34
CA ASP A 261 7.16 18.47 -0.68
C ASP A 261 6.34 19.06 0.46
N HIS A 262 6.96 19.25 1.63
CA HIS A 262 6.34 20.02 2.72
C HIS A 262 7.40 20.62 3.63
N GLU A 263 7.80 21.87 3.34
CA GLU A 263 8.89 22.50 4.11
C GLU A 263 8.56 22.71 5.59
N ARG A 264 7.34 23.13 5.90
CA ARG A 264 6.93 23.36 7.29
C ARG A 264 6.89 22.07 8.09
N LEU A 265 6.35 21.01 7.52
CA LEU A 265 6.34 19.69 8.18
C LEU A 265 7.78 19.27 8.49
N TYR A 266 8.64 19.34 7.49
CA TYR A 266 10.05 19.10 7.63
C TYR A 266 10.67 19.93 8.76
N SER A 267 10.44 21.25 8.78
CA SER A 267 10.90 22.16 9.85
CA SER A 267 10.96 22.10 9.85
C SER A 267 10.47 21.66 11.23
N ASP A 268 9.17 21.34 11.35
CA ASP A 268 8.58 20.94 12.63
C ASP A 268 9.13 19.61 13.10
N LEU A 269 9.26 18.67 12.17
CA LEU A 269 9.79 17.36 12.51
C LEU A 269 11.26 17.44 12.91
N SER A 270 12.01 18.37 12.32
CA SER A 270 13.41 18.52 12.65
C SER A 270 13.59 19.00 14.09
N LYS A 271 12.67 19.85 14.57
CA LYS A 271 12.74 20.35 15.94
C LYS A 271 12.20 19.35 16.97
N GLU A 272 11.51 18.31 16.52
CA GLU A 272 10.83 17.43 17.46
C GLU A 272 11.40 16.01 17.56
N LEU A 273 11.85 15.45 16.45
CA LEU A 273 12.29 14.06 16.46
C LEU A 273 13.57 13.86 17.25
N PRO A 274 13.80 12.63 17.77
CA PRO A 274 15.09 12.34 18.40
C PRO A 274 16.24 12.68 17.47
N GLU A 275 17.33 13.17 18.04
CA GLU A 275 18.46 13.68 17.26
C GLU A 275 19.08 12.61 16.37
N PHE A 276 18.95 11.35 16.79
CA PHE A 276 19.47 10.24 16.02
C PHE A 276 18.73 10.01 14.67
N VAL A 277 17.56 10.61 14.52
CA VAL A 277 16.73 10.37 13.34
C VAL A 277 17.24 11.22 12.16
N ARG A 278 17.60 10.57 11.06
CA ARG A 278 18.01 11.34 9.88
C ARG A 278 16.77 11.78 9.08
N LEU A 279 16.68 13.07 8.80
CA LEU A 279 15.52 13.63 8.15
C LEU A 279 15.96 14.25 6.84
N THR A 280 15.20 13.97 5.78
CA THR A 280 15.54 14.42 4.44
C THR A 280 14.31 14.95 3.75
N HIS A 281 14.42 16.19 3.27
CA HIS A 281 13.37 16.79 2.48
C HIS A 281 13.72 16.61 1.02
N VAL A 282 12.76 16.11 0.25
CA VAL A 282 12.92 15.86 -1.19
C VAL A 282 11.70 16.41 -1.93
N PRO A 283 11.89 16.88 -3.16
CA PRO A 283 10.72 17.37 -3.90
C PRO A 283 9.80 16.23 -4.42
N LYS A 284 8.55 16.56 -4.70
CA LYS A 284 7.69 15.63 -5.41
C LYS A 284 8.05 15.65 -6.88
N SER A 285 7.73 14.59 -7.59
CA SER A 285 7.97 14.53 -9.02
C SER A 285 6.93 15.41 -9.76
N GLY A 286 7.38 16.07 -10.82
CA GLY A 286 6.46 16.81 -11.70
C GLY A 286 5.37 15.93 -12.31
N GLY A 287 5.53 14.61 -12.28
CA GLY A 287 4.53 13.70 -12.85
C GLY A 287 3.41 13.28 -11.92
N VAL A 288 3.52 13.61 -10.63
CA VAL A 288 2.50 13.20 -9.67
C VAL A 288 1.18 13.89 -10.01
N GLU A 289 0.07 13.15 -9.90
CA GLU A 289 -1.25 13.68 -10.25
C GLU A 289 -2.17 13.94 -9.06
N GLN A 290 -2.71 15.15 -8.99
CA GLN A 290 -3.73 15.47 -8.01
C GLN A 290 -4.99 14.63 -8.30
N ARG A 291 -5.52 13.98 -7.28
CA ARG A 291 -6.73 13.18 -7.46
C ARG A 291 -7.84 13.72 -6.58
N THR A 292 -9.02 13.86 -7.17
CA THR A 292 -10.21 14.37 -6.48
C THR A 292 -10.78 13.34 -5.51
N GLY A 293 -11.67 13.79 -4.64
CA GLY A 293 -12.39 12.89 -3.74
C GLY A 293 -13.15 11.78 -4.46
N GLN A 294 -13.75 12.12 -5.61
CA GLN A 294 -14.46 11.16 -6.47
C GLN A 294 -13.55 10.06 -6.99
N ILE A 295 -12.44 10.48 -7.60
CA ILE A 295 -11.45 9.53 -8.12
C ILE A 295 -10.93 8.61 -6.99
N ARG A 296 -10.68 9.19 -5.82
CA ARG A 296 -10.19 8.47 -4.65
C ARG A 296 -11.21 7.46 -4.13
N SER A 297 -12.49 7.86 -4.11
CA SER A 297 -13.59 6.96 -3.74
CA SER A 297 -13.60 6.96 -3.73
C SER A 297 -13.69 5.81 -4.74
N LYS A 298 -13.55 6.13 -6.02
CA LYS A 298 -13.59 5.12 -7.05
C LYS A 298 -12.40 4.18 -6.87
N MET A 299 -11.22 4.71 -6.57
CA MET A 299 -10.07 3.85 -6.34
C MET A 299 -10.23 2.94 -5.11
N ARG A 300 -10.88 3.43 -4.05
CA ARG A 300 -11.21 2.55 -2.92
C ARG A 300 -12.11 1.38 -3.34
N GLY A 301 -13.12 1.67 -4.17
CA GLY A 301 -14.01 0.63 -4.70
C GLY A 301 -13.29 -0.44 -5.53
N GLU A 302 -12.35 0.01 -6.36
CA GLU A 302 -11.59 -0.89 -7.25
C GLU A 302 -10.58 -1.69 -6.43
N ASN A 303 -10.08 -1.10 -5.35
CA ASN A 303 -9.29 -1.89 -4.40
C ASN A 303 -10.10 -3.05 -3.77
N VAL A 304 -11.28 -2.76 -3.21
CA VAL A 304 -12.18 -3.80 -2.68
C VAL A 304 -12.51 -4.85 -3.76
N HIS A 305 -12.83 -4.38 -4.96
CA HIS A 305 -13.14 -5.28 -6.06
C HIS A 305 -11.99 -6.25 -6.32
N ARG A 306 -10.78 -5.70 -6.37
CA ARG A 306 -9.57 -6.47 -6.66
C ARG A 306 -9.28 -7.52 -5.57
N TYR A 307 -9.56 -7.15 -4.32
CA TYR A 307 -9.37 -8.07 -3.21
C TYR A 307 -10.15 -9.39 -3.43
N PHE A 308 -11.37 -9.30 -3.95
CA PHE A 308 -12.17 -10.50 -4.16
C PHE A 308 -11.95 -11.17 -5.53
N TYR A 309 -11.68 -10.36 -6.55
CA TYR A 309 -11.64 -10.88 -7.92
C TYR A 309 -10.25 -10.88 -8.57
N GLY A 310 -9.26 -10.29 -7.87
CA GLY A 310 -7.90 -10.19 -8.39
C GLY A 310 -7.80 -9.23 -9.55
N THR A 311 -7.07 -9.61 -10.59
CA THR A 311 -6.82 -8.71 -11.72
C THR A 311 -7.10 -9.35 -13.08
N ARG A 312 -7.18 -8.52 -14.13
CA ARG A 312 -7.16 -8.99 -15.51
C ARG A 312 -6.07 -10.05 -15.72
N ALA A 313 -4.84 -9.73 -15.29
CA ALA A 313 -3.72 -10.68 -15.35
C ALA A 313 -3.90 -11.91 -14.45
N ASN A 314 -4.31 -11.68 -13.20
CA ASN A 314 -4.47 -12.75 -12.19
C ASN A 314 -5.86 -12.78 -11.56
N ASN A 315 -6.80 -13.46 -12.21
CA ASN A 315 -8.14 -13.54 -11.68
C ASN A 315 -8.17 -14.33 -10.39
N LEU A 316 -8.92 -13.81 -9.43
CA LEU A 316 -9.35 -14.60 -8.29
C LEU A 316 -10.81 -15.03 -8.51
N TYR A 317 -11.20 -16.11 -7.85
CA TYR A 317 -12.53 -16.69 -8.04
C TYR A 317 -13.17 -16.89 -6.67
N PRO A 318 -13.88 -15.84 -6.20
CA PRO A 318 -14.43 -15.80 -4.85
C PRO A 318 -15.76 -16.53 -4.78
N PHE A 319 -16.10 -17.03 -3.60
CA PHE A 319 -17.32 -17.83 -3.40
C PHE A 319 -18.41 -16.98 -2.80
N THR A 320 -19.63 -17.22 -3.26
CA THR A 320 -20.81 -16.67 -2.63
C THR A 320 -21.56 -17.85 -2.04
N PHE A 321 -21.83 -17.76 -0.73
CA PHE A 321 -22.65 -18.76 -0.04
C PHE A 321 -23.34 -18.09 1.15
N ASP A 322 -24.32 -18.81 1.68
CA ASP A 322 -25.11 -18.33 2.78
C ASP A 322 -24.51 -18.76 4.09
N VAL A 323 -24.67 -17.95 5.12
CA VAL A 323 -24.12 -18.26 6.43
C VAL A 323 -25.21 -18.04 7.46
N SER A 324 -25.39 -19.03 8.33
CA SER A 324 -26.39 -18.92 9.38
C SER A 324 -25.88 -18.00 10.48
N PHE A 325 -26.73 -17.05 10.89
CA PHE A 325 -26.42 -16.17 12.01
C PHE A 325 -26.16 -16.91 13.32
N ASP A 326 -26.57 -18.17 13.39
CA ASP A 326 -26.31 -18.97 14.58
C ASP A 326 -24.87 -19.53 14.59
N ASP A 327 -24.17 -19.38 13.47
CA ASP A 327 -22.84 -19.95 13.32
C ASP A 327 -21.72 -18.91 13.41
N VAL A 328 -22.10 -17.63 13.53
CA VAL A 328 -21.13 -16.53 13.62
C VAL A 328 -21.52 -15.50 14.68
N THR A 329 -20.52 -14.82 15.23
CA THR A 329 -20.76 -13.65 16.08
C THR A 329 -20.27 -12.36 15.38
N LEU A 330 -21.20 -11.46 15.10
CA LEU A 330 -20.88 -10.17 14.52
C LEU A 330 -20.56 -9.20 15.64
N CYS A 331 -19.45 -8.49 15.48
CA CYS A 331 -19.07 -7.48 16.46
C CYS A 331 -18.48 -6.23 15.82
N LYS A 332 -18.27 -5.21 16.64
CA LYS A 332 -18.00 -3.86 16.17
C LYS A 332 -17.13 -3.16 17.20
N ILE A 333 -16.13 -2.42 16.74
CA ILE A 333 -15.25 -1.65 17.61
C ILE A 333 -15.69 -0.18 17.64
N GLY A 334 -15.86 0.37 18.85
CA GLY A 334 -16.23 1.76 19.01
C GLY A 334 -17.38 1.93 19.99
N LYS A 355 -13.60 -0.17 22.52
CA LYS A 355 -14.20 -1.36 23.14
C LYS A 355 -15.07 -2.17 22.18
N LEU A 356 -15.20 -3.47 22.47
CA LEU A 356 -15.99 -4.38 21.64
C LEU A 356 -17.47 -4.44 22.01
N VAL A 357 -18.32 -4.45 21.00
CA VAL A 357 -19.76 -4.53 21.15
C VAL A 357 -20.27 -5.62 20.20
N ILE A 358 -21.11 -6.51 20.71
CA ILE A 358 -21.75 -7.55 19.90
C ILE A 358 -22.89 -6.91 19.07
N MET A 359 -22.96 -7.26 17.79
CA MET A 359 -24.03 -6.75 16.91
C MET A 359 -25.13 -7.77 16.71
N GLU A 360 -26.36 -7.29 16.58
CA GLU A 360 -27.45 -8.13 16.13
C GLU A 360 -27.52 -8.07 14.62
N PRO A 361 -27.71 -9.24 13.97
CA PRO A 361 -27.94 -9.23 12.53
C PRO A 361 -29.00 -8.19 12.19
N SER A 362 -28.68 -7.29 11.28
CA SER A 362 -29.55 -6.18 10.97
C SER A 362 -29.46 -5.91 9.48
N ALA A 363 -30.34 -5.08 8.96
CA ALA A 363 -30.40 -4.86 7.52
C ALA A 363 -29.28 -3.93 7.09
N ASP A 364 -28.69 -3.25 8.07
CA ASP A 364 -27.68 -2.21 7.84
C ASP A 364 -26.26 -2.76 7.71
N ILE A 365 -26.09 -4.07 7.83
CA ILE A 365 -24.78 -4.70 7.61
C ILE A 365 -24.58 -5.03 6.12
N LYS A 366 -25.67 -4.94 5.36
CA LYS A 366 -25.64 -5.25 3.94
C LYS A 366 -24.68 -4.30 3.19
N HIS A 367 -23.84 -4.87 2.32
CA HIS A 367 -22.80 -4.14 1.57
C HIS A 367 -21.53 -3.79 2.36
N HIS A 368 -21.52 -4.10 3.66
CA HIS A 368 -20.34 -3.88 4.48
C HIS A 368 -19.34 -5.01 4.40
N LEU A 369 -18.07 -4.64 4.50
CA LEU A 369 -17.02 -5.60 4.76
C LEU A 369 -17.04 -6.04 6.22
N PHE A 370 -16.76 -7.33 6.43
CA PHE A 370 -16.47 -7.86 7.75
C PHE A 370 -15.14 -8.59 7.68
N ALA A 371 -14.34 -8.44 8.72
CA ALA A 371 -13.04 -9.10 8.82
C ALA A 371 -13.19 -10.39 9.59
N PHE A 372 -12.50 -11.44 9.16
CA PHE A 372 -12.46 -12.66 9.96
C PHE A 372 -11.36 -12.55 10.98
N SER A 373 -11.74 -12.42 12.25
CA SER A 373 -10.77 -12.20 13.34
C SER A 373 -10.00 -13.47 13.64
N ARG A 374 -8.69 -13.34 13.83
CA ARG A 374 -7.86 -14.47 14.24
C ARG A 374 -8.13 -14.85 15.69
N SER A 375 -8.69 -13.90 16.44
CA SER A 375 -9.12 -14.13 17.82
C SER A 375 -10.30 -15.12 17.88
N THR A 376 -10.11 -16.21 18.60
CA THR A 376 -11.06 -17.32 18.62
C THR A 376 -12.41 -16.96 19.28
N LYS A 377 -12.38 -15.99 20.19
CA LYS A 377 -13.59 -15.52 20.86
C LYS A 377 -13.84 -14.01 20.64
N ALA A 378 -15.09 -13.60 20.80
CA ALA A 378 -15.47 -12.20 20.61
C ALA A 378 -15.24 -11.35 21.86
N ASP A 379 -13.99 -11.22 22.28
CA ASP A 379 -13.65 -10.46 23.51
C ASP A 379 -12.62 -9.34 23.29
N GLU A 380 -11.90 -8.99 24.36
CA GLU A 380 -10.89 -7.94 24.34
C GLU A 380 -9.70 -8.24 23.41
N ASN A 381 -9.57 -9.51 23.00
CA ASN A 381 -8.47 -9.91 22.15
C ASN A 381 -8.71 -9.52 20.69
N VAL A 382 -9.96 -9.28 20.33
CA VAL A 382 -10.35 -8.89 18.97
C VAL A 382 -9.62 -7.61 18.50
N LEU A 383 -9.65 -6.61 19.37
CA LEU A 383 -9.04 -5.29 19.14
C LEU A 383 -7.59 -5.33 18.68
N LYS A 384 -6.77 -6.14 19.35
CA LYS A 384 -5.34 -6.31 19.04
C LYS A 384 -4.99 -7.46 18.08
N SER A 385 -5.98 -8.31 17.73
CA SER A 385 -5.73 -9.44 16.85
C SER A 385 -5.69 -9.06 15.37
N PRO A 386 -4.66 -9.55 14.64
CA PRO A 386 -4.74 -9.41 13.19
C PRO A 386 -5.94 -10.19 12.66
N VAL A 387 -6.19 -10.10 11.36
CA VAL A 387 -7.32 -10.79 10.76
C VAL A 387 -6.89 -11.80 9.70
N PHE A 388 -7.81 -12.70 9.34
CA PHE A 388 -7.56 -13.71 8.33
C PHE A 388 -7.78 -13.13 6.93
N GLY A 389 -8.73 -12.21 6.82
CA GLY A 389 -9.14 -11.67 5.55
C GLY A 389 -10.52 -11.13 5.77
N PHE A 390 -11.21 -10.84 4.66
CA PHE A 390 -12.50 -10.18 4.70
C PHE A 390 -13.53 -10.94 3.90
N CYS A 391 -14.80 -10.64 4.18
CA CYS A 391 -15.88 -11.00 3.28
C CYS A 391 -16.76 -9.76 3.08
N LEU A 392 -17.63 -9.79 2.07
CA LEU A 392 -18.62 -8.75 1.80
C LEU A 392 -20.00 -9.38 1.99
N VAL A 393 -20.84 -8.74 2.81
CA VAL A 393 -22.23 -9.13 2.97
C VAL A 393 -23.06 -8.56 1.83
N THR A 394 -23.46 -9.45 0.93
CA THR A 394 -24.22 -9.04 -0.27
C THR A 394 -25.76 -9.04 -0.07
N GLU A 395 -26.28 -9.88 0.84
CA GLU A 395 -27.72 -9.92 1.12
C GLU A 395 -27.93 -10.28 2.57
N VAL A 396 -29.02 -9.80 3.16
CA VAL A 396 -29.42 -10.23 4.50
C VAL A 396 -30.85 -10.79 4.50
N ASP A 397 -31.01 -12.07 4.87
CA ASP A 397 -32.33 -12.69 5.03
C ASP A 397 -32.66 -12.86 6.49
N LEU A 398 -33.43 -11.92 7.01
CA LEU A 398 -33.68 -11.81 8.43
C LEU A 398 -34.54 -12.95 8.96
N GLU A 399 -35.56 -13.33 8.21
CA GLU A 399 -36.44 -14.41 8.62
C GLU A 399 -35.78 -15.79 8.60
N LYS A 400 -35.06 -16.12 7.52
CA LYS A 400 -34.29 -17.36 7.49
C LYS A 400 -33.11 -17.33 8.47
N ARG A 401 -32.82 -16.15 9.00
CA ARG A 401 -31.65 -15.90 9.86
C ARG A 401 -30.32 -16.18 9.14
N THR A 402 -30.24 -15.80 7.88
CA THR A 402 -29.01 -15.99 7.11
C THR A 402 -28.52 -14.72 6.42
N MET A 403 -27.25 -14.73 6.05
CA MET A 403 -26.70 -13.69 5.19
C MET A 403 -25.91 -14.34 4.07
N SER A 404 -25.90 -13.71 2.91
CA SER A 404 -25.04 -14.10 1.82
C SER A 404 -23.79 -13.26 1.87
N ILE A 405 -22.67 -13.94 1.80
CA ILE A 405 -21.37 -13.28 1.80
C ILE A 405 -20.57 -13.65 0.55
N LEU A 406 -19.79 -12.69 0.06
CA LEU A 406 -18.72 -12.98 -0.89
C LEU A 406 -17.47 -13.25 -0.07
N CYS A 407 -16.77 -14.33 -0.37
CA CYS A 407 -15.64 -14.79 0.44
C CYS A 407 -14.53 -15.39 -0.43
N PRO A 408 -13.25 -15.02 -0.14
CA PRO A 408 -12.11 -15.53 -0.94
C PRO A 408 -11.99 -17.06 -0.86
N GLN A 409 -12.53 -17.66 0.19
CA GLN A 409 -12.52 -19.12 0.29
C GLN A 409 -13.91 -19.75 0.49
N ARG A 410 -13.94 -21.08 0.37
CA ARG A 410 -15.15 -21.89 0.42
C ARG A 410 -15.85 -21.85 1.78
N THR A 411 -15.08 -21.87 2.85
CA THR A 411 -15.62 -21.88 4.22
C THR A 411 -14.99 -20.75 5.04
N ILE A 412 -15.79 -20.11 5.89
CA ILE A 412 -15.31 -19.02 6.73
C ILE A 412 -14.08 -19.44 7.54
N PRO A 413 -13.00 -18.65 7.49
CA PRO A 413 -11.80 -19.00 8.27
C PRO A 413 -11.92 -18.66 9.75
N SER A 414 -13.02 -18.04 10.14
CA SER A 414 -13.20 -17.69 11.54
C SER A 414 -14.67 -17.40 11.76
N LYS A 415 -15.12 -17.61 12.99
CA LYS A 415 -16.52 -17.42 13.35
C LYS A 415 -16.75 -16.08 14.06
N VAL A 416 -15.69 -15.31 14.21
CA VAL A 416 -15.76 -14.00 14.81
C VAL A 416 -15.58 -12.97 13.69
N LEU A 417 -16.69 -12.32 13.31
CA LEU A 417 -16.69 -11.41 12.18
C LEU A 417 -16.71 -9.96 12.64
N VAL A 418 -15.67 -9.19 12.28
CA VAL A 418 -15.54 -7.80 12.78
C VAL A 418 -15.97 -6.78 11.73
N PHE A 419 -16.86 -5.89 12.15
CA PHE A 419 -17.48 -4.89 11.29
C PHE A 419 -16.49 -3.90 10.73
N SER A 420 -16.67 -3.54 9.48
CA SER A 420 -15.91 -2.44 8.89
C SER A 420 -16.93 -1.43 8.35
N ASP A 421 -16.63 -0.15 8.46
CA ASP A 421 -17.56 0.84 7.92
C ASP A 421 -17.44 0.96 6.41
N ILE A 422 -16.47 0.25 5.82
CA ILE A 422 -16.30 0.27 4.36
C ILE A 422 -17.41 -0.54 3.68
N THR A 423 -18.07 0.07 2.71
CA THR A 423 -19.13 -0.57 1.98
C THR A 423 -18.76 -0.66 0.51
N HIS A 424 -19.41 -1.58 -0.21
CA HIS A 424 -19.11 -1.81 -1.62
C HIS A 424 -20.31 -2.51 -2.26
N LEU A 425 -20.90 -1.84 -3.24
CA LEU A 425 -21.94 -2.41 -4.08
C LEU A 425 -21.26 -3.16 -5.22
N ASP A 426 -21.57 -4.45 -5.34
CA ASP A 426 -20.95 -5.32 -6.34
C ASP A 426 -21.88 -5.59 -7.53
PB ADP C . 0.52 9.78 -2.30
O1B ADP C . 1.49 10.78 -1.70
O2B ADP C . 0.92 8.35 -2.10
O3B ADP C . -0.91 10.13 -1.90
PA ADP C . 0.88 8.61 -4.91
O1A ADP C . -0.29 7.64 -4.88
O2A ADP C . 2.26 8.02 -4.78
O3A ADP C . 0.60 9.86 -3.91
O5' ADP C . 0.82 9.39 -6.31
C5' ADP C . -0.36 10.06 -6.72
C4' ADP C . -0.68 9.64 -8.16
O4' ADP C . 0.31 10.12 -9.08
C3' ADP C . -0.69 8.15 -8.31
O3' ADP C . -1.77 7.90 -9.20
C2' ADP C . 0.60 7.79 -9.03
O2' ADP C . 0.39 6.72 -9.93
C1' ADP C . 0.84 9.03 -9.86
N9 ADP C . 2.27 9.26 -10.10
C8 ADP C . 3.21 9.37 -9.12
N7 ADP C . 4.43 9.62 -9.66
C5 ADP C . 4.27 9.65 -10.99
C6 ADP C . 5.16 9.88 -12.14
N6 ADP C . 6.48 10.09 -11.96
N1 ADP C . 4.59 9.85 -13.37
C2 ADP C . 3.27 9.64 -13.56
N3 ADP C . 2.41 9.44 -12.55
C4 ADP C . 2.85 9.43 -11.27
MG MG D . -0.12 7.16 -0.80
AL ALF E . -2.23 9.87 -0.47
F1 ALF E . -1.20 8.48 0.07
F2 ALF E . -3.22 11.26 -1.07
F3 ALF E . -3.18 8.75 -1.50
F4 ALF E . -1.27 11.00 0.56
O1 2PE F . 25.54 -0.74 -7.44
C2 2PE F . 24.90 -1.69 -8.30
C3 2PE F . 23.38 -1.59 -8.13
O4 2PE F . 22.83 -2.83 -7.66
C5 2PE F . 21.48 -3.10 -8.08
C6 2PE F . 20.52 -2.39 -7.14
O7 2PE F . 19.54 -1.76 -7.96
C8 2PE F . 19.10 -0.50 -7.48
C9 2PE F . 18.37 0.19 -8.62
O10 2PE F . 19.33 0.97 -9.32
C11 2PE F . 18.87 1.57 -10.52
C12 2PE F . 19.67 1.01 -11.69
O13 2PE F . 20.94 1.62 -11.68
#